data_6JHY
#
_entry.id   6JHY
#
_cell.length_a   123.587
_cell.length_b   46.885
_cell.length_c   75.734
_cell.angle_alpha   90.00
_cell.angle_beta   122.64
_cell.angle_gamma   90.00
#
_symmetry.space_group_name_H-M   'C 1 2 1'
#
loop_
_entity.id
_entity.type
_entity.pdbx_description
1 polymer 'Spike protein'
2 branched 2-acetamido-2-deoxy-beta-D-glucopyranose-(1-4)-2-acetamido-2-deoxy-beta-D-glucopyranose
3 non-polymer 2-acetamido-2-deoxy-beta-D-glucopyranose
4 water water
#
_entity_poly.entity_id   1
_entity_poly.type   'polypeptide(L)'
_entity_poly.pdbx_seq_one_letter_code
;VIGDLKCTTVSINDVDTGVPSISTDVVDVTNGLGTYYVLDRVYLNTTLLLNGYYPTSGSTYRNMALKGTLLLSTLWFKPP
FLSDFTAGIFAKVKNTKVVKSGVTYSEFPAITIGSTFVNTSYSVVVQPHTTNLDNKLQGLLEISVCQYTMCEYPNTICHP
NLGNQRVELWHWDTGVVSCLYKRNFTYDVNADYLYFHFYQEGGTFYAYFTDTGVVTKFLFNVYLGTVLSHYYVMPLTCNS
AMTLEYWVTPLTSKQYLLAFNQDGVIFNAVDCKSDFMSEIKCKTHHHHHH
;
_entity_poly.pdbx_strand_id   A
#
loop_
_chem_comp.id
_chem_comp.type
_chem_comp.name
_chem_comp.formula
NAG D-saccharide, beta linking 2-acetamido-2-deoxy-beta-D-glucopyranose 'C8 H15 N O6'
#
# COMPACT_ATOMS: atom_id res chain seq x y z
N VAL A 1 10.81 -16.15 5.96
CA VAL A 1 11.04 -16.04 4.52
C VAL A 1 9.77 -15.64 3.74
N ILE A 2 9.92 -14.76 2.74
CA ILE A 2 8.79 -14.29 1.95
C ILE A 2 8.59 -15.17 0.72
N GLY A 3 9.32 -14.89 -0.37
CA GLY A 3 9.48 -15.85 -1.45
C GLY A 3 10.58 -16.82 -1.09
N ASP A 4 10.85 -17.79 -1.97
CA ASP A 4 11.82 -18.79 -1.55
C ASP A 4 13.01 -18.92 -2.51
N LEU A 5 13.40 -17.84 -3.16
CA LEU A 5 14.67 -17.80 -3.88
C LEU A 5 15.72 -17.16 -2.96
N LYS A 6 16.84 -17.88 -2.75
CA LYS A 6 17.94 -17.36 -1.95
C LYS A 6 18.71 -16.33 -2.79
N CYS A 7 18.14 -15.13 -2.89
CA CYS A 7 18.69 -14.13 -3.80
C CYS A 7 20.00 -13.56 -3.28
N THR A 8 20.10 -13.40 -1.97
CA THR A 8 21.22 -12.69 -1.38
C THR A 8 21.64 -13.39 -0.09
N THR A 9 22.92 -13.28 0.19
CA THR A 9 23.46 -13.66 1.48
C THR A 9 24.34 -12.54 2.03
N VAL A 10 24.25 -11.34 1.45
CA VAL A 10 25.07 -10.20 1.84
C VAL A 10 24.40 -9.47 2.98
N SER A 11 25.13 -9.26 4.07
CA SER A 11 24.67 -8.45 5.19
C SER A 11 23.24 -8.84 5.59
N ILE A 12 23.07 -10.13 5.88
CA ILE A 12 21.84 -10.64 6.48
C ILE A 12 22.14 -10.91 7.94
N ASN A 13 21.37 -10.30 8.83
CA ASN A 13 21.55 -10.50 10.27
C ASN A 13 20.47 -11.45 10.78
N ASP A 14 20.87 -12.71 10.99
CA ASP A 14 19.95 -13.74 11.45
C ASP A 14 19.82 -13.81 12.95
N VAL A 15 20.73 -13.21 13.71
CA VAL A 15 20.63 -13.29 15.18
C VAL A 15 19.40 -12.50 15.62
N ASP A 16 18.73 -13.00 16.66
CA ASP A 16 17.33 -12.72 16.94
C ASP A 16 17.27 -11.82 18.17
N THR A 17 16.76 -10.59 17.99
CA THR A 17 16.50 -9.65 19.09
C THR A 17 15.09 -9.93 19.59
N GLY A 18 14.39 -8.94 20.14
CA GLY A 18 12.96 -9.04 20.30
C GLY A 18 12.29 -8.72 18.98
N VAL A 19 10.97 -8.86 18.93
CA VAL A 19 10.28 -8.43 17.72
C VAL A 19 10.07 -6.92 17.80
N PRO A 20 10.30 -6.19 16.71
CA PRO A 20 10.20 -4.72 16.78
C PRO A 20 8.80 -4.28 17.14
N SER A 21 8.71 -3.13 17.83
CA SER A 21 7.42 -2.54 18.08
C SER A 21 6.85 -1.94 16.81
N ILE A 22 5.56 -2.15 16.58
CA ILE A 22 4.86 -1.58 15.44
C ILE A 22 3.96 -0.46 15.95
N SER A 23 4.18 0.75 15.46
CA SER A 23 3.34 1.85 15.90
C SER A 23 1.93 1.72 15.35
N THR A 24 1.02 2.43 15.99
CA THR A 24 -0.40 2.28 15.74
C THR A 24 -1.03 3.65 15.62
N ASP A 25 -2.18 3.67 14.94
CA ASP A 25 -2.95 4.90 14.77
C ASP A 25 -4.43 4.53 14.69
N VAL A 26 -5.28 5.41 15.20
CA VAL A 26 -6.70 5.10 15.28
C VAL A 26 -7.36 5.45 13.96
N VAL A 27 -8.26 4.58 13.49
CA VAL A 27 -8.95 4.76 12.22
C VAL A 27 -10.10 5.75 12.39
N ASP A 28 -10.07 6.83 11.62
CA ASP A 28 -11.06 7.91 11.70
C ASP A 28 -11.53 8.21 10.28
N VAL A 29 -12.80 7.92 10.00
CA VAL A 29 -13.32 7.98 8.64
C VAL A 29 -14.22 9.18 8.43
N THR A 30 -14.23 10.13 9.37
CA THR A 30 -15.29 11.14 9.40
C THR A 30 -15.20 12.13 8.24
N ASN A 31 -14.00 12.51 7.81
CA ASN A 31 -13.85 13.44 6.68
C ASN A 31 -13.79 12.72 5.33
N GLY A 32 -14.30 11.49 5.26
CA GLY A 32 -14.23 10.70 4.06
C GLY A 32 -13.08 9.72 4.02
N LEU A 33 -12.05 9.92 4.86
CA LEU A 33 -10.85 9.09 4.79
C LEU A 33 -11.20 7.62 4.98
N GLY A 34 -10.68 6.77 4.09
CA GLY A 34 -11.01 5.36 4.08
C GLY A 34 -12.10 4.97 3.09
N THR A 35 -12.71 5.95 2.41
CA THR A 35 -13.76 5.70 1.44
C THR A 35 -13.25 6.06 0.04
N TYR A 36 -13.98 5.60 -0.98
CA TYR A 36 -13.59 5.83 -2.36
C TYR A 36 -14.80 6.26 -3.17
N TYR A 37 -14.54 6.98 -4.26
CA TYR A 37 -15.60 7.38 -5.14
C TYR A 37 -16.15 6.18 -5.89
N VAL A 38 -17.44 6.23 -6.19
CA VAL A 38 -18.05 5.18 -7.02
C VAL A 38 -17.65 5.44 -8.47
N LEU A 39 -17.07 4.42 -9.11
CA LEU A 39 -16.55 4.58 -10.46
C LEU A 39 -17.67 4.80 -11.49
N ASP A 40 -18.76 4.01 -11.39
CA ASP A 40 -19.83 4.01 -12.37
C ASP A 40 -20.71 5.26 -12.35
N ARG A 41 -20.48 6.19 -11.43
CA ARG A 41 -21.44 7.28 -11.27
C ARG A 41 -20.87 8.36 -10.35
N VAL A 42 -21.24 9.61 -10.63
CA VAL A 42 -20.90 10.76 -9.81
C VAL A 42 -22.16 11.22 -9.08
N TYR A 43 -22.02 11.56 -7.80
CA TYR A 43 -23.13 12.04 -6.96
C TYR A 43 -22.92 13.51 -6.60
N LEU A 44 -24.03 14.25 -6.49
CA LEU A 44 -23.98 15.68 -6.20
C LEU A 44 -25.04 16.03 -5.16
N ASN A 45 -24.66 16.89 -4.21
CA ASN A 45 -25.51 17.37 -3.12
C ASN A 45 -26.50 16.28 -2.67
N THR A 46 -25.97 15.23 -2.03
CA THR A 46 -26.78 14.08 -1.62
C THR A 46 -25.99 13.25 -0.59
N THR A 47 -26.68 12.25 -0.02
CA THR A 47 -26.05 11.29 0.88
C THR A 47 -26.52 9.89 0.51
N LEU A 48 -25.61 8.92 0.59
CA LEU A 48 -25.82 7.61 -0.03
C LEU A 48 -25.43 6.48 0.92
N LEU A 49 -26.28 5.46 1.00
CA LEU A 49 -25.94 4.20 1.65
C LEU A 49 -25.46 3.22 0.59
N LEU A 50 -24.32 2.58 0.83
CA LEU A 50 -23.86 1.56 -0.10
C LEU A 50 -22.95 0.58 0.60
N ASN A 51 -22.78 -0.58 -0.03
CA ASN A 51 -21.87 -1.60 0.46
C ASN A 51 -20.53 -1.49 -0.28
N GLY A 52 -19.45 -1.51 0.49
CA GLY A 52 -18.12 -1.42 -0.07
C GLY A 52 -17.08 -2.07 0.81
N TYR A 53 -15.82 -1.86 0.50
CA TYR A 53 -14.73 -2.47 1.26
C TYR A 53 -14.07 -1.37 2.08
N TYR A 54 -14.31 -1.41 3.39
CA TYR A 54 -14.05 -0.29 4.27
C TYR A 54 -13.36 -0.78 5.54
N PRO A 55 -12.59 0.07 6.19
CA PRO A 55 -12.02 -0.29 7.49
C PRO A 55 -13.03 -0.07 8.59
N THR A 56 -12.68 -0.56 9.78
CA THR A 56 -13.51 -0.39 10.97
C THR A 56 -13.07 0.90 11.66
N SER A 57 -13.92 1.92 11.57
CA SER A 57 -13.73 3.14 12.33
C SER A 57 -13.57 2.82 13.80
N GLY A 58 -12.52 3.35 14.41
CA GLY A 58 -12.19 3.07 15.79
C GLY A 58 -11.16 1.98 16.00
N SER A 59 -10.82 1.24 14.96
CA SER A 59 -9.76 0.27 15.10
C SER A 59 -8.43 0.95 14.77
N THR A 60 -7.38 0.19 14.51
CA THR A 60 -6.06 0.75 14.34
C THR A 60 -5.47 0.42 12.97
N TYR A 61 -4.66 1.36 12.48
CA TYR A 61 -3.59 1.07 11.54
C TYR A 61 -2.36 0.59 12.29
N ARG A 62 -1.53 -0.19 11.60
CA ARG A 62 -0.17 -0.48 12.04
C ARG A 62 0.81 0.10 11.04
N ASN A 63 1.84 0.79 11.53
CA ASN A 63 2.88 1.31 10.65
C ASN A 63 3.78 0.14 10.25
N MET A 64 3.62 -0.34 9.01
CA MET A 64 4.33 -1.52 8.55
C MET A 64 5.69 -1.19 7.92
N ALA A 65 6.02 0.10 7.77
CA ALA A 65 7.29 0.52 7.18
C ALA A 65 8.49 -0.03 7.95
N LEU A 66 9.53 -0.38 7.21
CA LEU A 66 10.79 -0.84 7.76
C LEU A 66 11.90 -0.10 7.03
N LYS A 67 12.67 0.71 7.75
CA LYS A 67 13.76 1.46 7.16
C LYS A 67 15.08 0.77 7.52
N GLY A 68 15.96 0.64 6.53
CA GLY A 68 17.25 0.02 6.73
C GLY A 68 18.36 0.83 6.07
N THR A 69 19.58 0.31 6.23
CA THR A 69 20.76 0.95 5.66
C THR A 69 21.64 -0.11 5.00
N LEU A 70 22.15 -1.06 5.78
CA LEU A 70 22.94 -2.14 5.21
C LEU A 70 22.40 -3.50 5.64
N LEU A 71 22.29 -3.69 6.96
CA LEU A 71 21.87 -5.00 7.49
C LEU A 71 20.37 -5.22 7.29
N LEU A 72 20.02 -6.35 6.69
CA LEU A 72 18.65 -6.84 6.66
C LEU A 72 18.47 -7.85 7.78
N SER A 73 17.56 -7.57 8.70
CA SER A 73 17.27 -8.49 9.80
C SER A 73 16.21 -9.51 9.37
N THR A 74 16.47 -10.80 9.64
CA THR A 74 15.55 -11.86 9.23
C THR A 74 14.18 -11.72 9.87
N LEU A 75 14.12 -11.14 11.07
CA LEU A 75 12.84 -10.88 11.72
C LEU A 75 11.90 -10.05 10.84
N TRP A 76 12.43 -9.17 9.99
CA TRP A 76 11.59 -8.31 9.17
C TRP A 76 10.72 -9.11 8.21
N PHE A 77 11.12 -10.34 7.88
CA PHE A 77 10.51 -11.13 6.83
C PHE A 77 9.68 -12.28 7.41
N LYS A 78 9.02 -12.03 8.55
CA LYS A 78 8.11 -12.95 9.23
C LYS A 78 6.96 -12.16 9.85
N PRO A 79 5.88 -12.82 10.28
CA PRO A 79 4.92 -12.11 11.13
C PRO A 79 5.64 -11.48 12.31
N PRO A 80 5.15 -10.34 12.79
CA PRO A 80 3.91 -9.68 12.36
C PRO A 80 4.04 -8.79 11.10
N PHE A 81 5.17 -8.83 10.39
CA PHE A 81 5.30 -7.97 9.20
C PHE A 81 4.72 -8.65 7.97
N LEU A 82 5.11 -9.88 7.69
CA LEU A 82 4.31 -10.70 6.78
C LEU A 82 2.92 -10.82 7.41
N SER A 83 1.89 -10.32 6.75
CA SER A 83 0.56 -10.23 7.34
C SER A 83 -0.48 -10.90 6.45
N ASP A 84 -1.66 -11.11 7.03
CA ASP A 84 -2.78 -11.72 6.31
C ASP A 84 -3.51 -10.71 5.45
N PHE A 85 -3.83 -11.11 4.22
CA PHE A 85 -4.64 -10.34 3.27
C PHE A 85 -5.93 -11.12 3.07
N THR A 86 -7.03 -10.64 3.65
CA THR A 86 -8.27 -11.43 3.58
C THR A 86 -9.20 -10.79 2.56
N ALA A 87 -10.04 -9.87 3.04
CA ALA A 87 -10.89 -9.11 2.14
C ALA A 87 -10.09 -8.00 1.47
N GLY A 88 -9.29 -7.27 2.24
CA GLY A 88 -8.42 -6.28 1.64
C GLY A 88 -7.77 -5.43 2.72
N ILE A 89 -7.11 -4.36 2.29
CA ILE A 89 -6.43 -3.46 3.21
C ILE A 89 -6.54 -2.03 2.70
N PHE A 90 -6.56 -1.09 3.64
CA PHE A 90 -6.53 0.34 3.35
C PHE A 90 -5.21 0.89 3.84
N ALA A 91 -4.50 1.58 2.96
CA ALA A 91 -3.13 2.02 3.22
C ALA A 91 -3.07 3.54 3.30
N LYS A 92 -2.28 4.00 4.24
CA LYS A 92 -1.99 5.41 4.43
C LYS A 92 -0.48 5.54 4.41
N VAL A 93 0.06 6.10 3.33
CA VAL A 93 1.49 6.06 3.06
C VAL A 93 2.03 7.48 3.07
N LYS A 94 2.94 7.74 4.00
CA LYS A 94 3.65 9.01 4.00
C LYS A 94 4.61 9.08 2.82
N ASN A 95 4.51 10.16 2.07
CA ASN A 95 5.48 10.47 1.03
C ASN A 95 6.67 11.17 1.71
N THR A 96 7.68 10.38 2.09
CA THR A 96 8.85 10.93 2.77
C THR A 96 9.66 11.79 1.81
N LYS A 97 9.75 13.10 2.10
CA LYS A 97 10.38 14.09 1.22
C LYS A 97 11.61 14.64 1.90
N VAL A 98 12.78 14.20 1.43
CA VAL A 98 14.06 14.53 2.02
C VAL A 98 14.83 15.41 1.02
N VAL A 99 15.46 16.46 1.54
CA VAL A 99 16.13 17.45 0.68
C VAL A 99 17.62 17.18 0.72
N LYS A 100 18.21 16.99 -0.45
CA LYS A 100 19.64 16.76 -0.56
C LYS A 100 20.17 17.56 -1.75
N SER A 101 21.11 18.46 -1.45
CA SER A 101 21.84 19.20 -2.48
C SER A 101 20.87 19.92 -3.44
N GLY A 102 19.92 20.65 -2.86
CA GLY A 102 18.96 21.42 -3.61
C GLY A 102 17.77 20.66 -4.18
N VAL A 103 17.72 19.34 -4.05
CA VAL A 103 16.68 18.52 -4.67
C VAL A 103 15.86 17.85 -3.57
N THR A 104 14.54 18.00 -3.65
CA THR A 104 13.63 17.30 -2.74
C THR A 104 13.27 15.96 -3.36
N TYR A 105 13.35 14.89 -2.57
CA TYR A 105 13.12 13.55 -3.07
C TYR A 105 11.77 13.02 -2.58
N SER A 106 11.43 11.85 -3.08
CA SER A 106 10.12 11.25 -2.84
C SER A 106 10.37 9.76 -2.63
N GLU A 107 10.24 9.30 -1.38
CA GLU A 107 10.50 7.90 -1.03
C GLU A 107 9.41 7.37 -0.12
N PHE A 108 8.95 6.15 -0.40
CA PHE A 108 8.06 5.39 0.46
C PHE A 108 8.14 3.92 0.06
N PRO A 109 7.72 3.00 0.92
CA PRO A 109 7.98 1.57 0.68
C PRO A 109 7.14 0.99 -0.46
N ALA A 110 7.60 -0.16 -0.94
CA ALA A 110 6.83 -0.96 -1.90
C ALA A 110 6.08 -2.06 -1.16
N ILE A 111 4.97 -2.51 -1.72
CA ILE A 111 4.14 -3.53 -1.09
C ILE A 111 3.90 -4.65 -2.09
N THR A 112 3.98 -5.90 -1.62
CA THR A 112 3.60 -7.03 -2.43
C THR A 112 2.43 -7.78 -1.78
N ILE A 113 1.48 -8.19 -2.61
CA ILE A 113 0.32 -8.97 -2.18
C ILE A 113 0.30 -10.25 -2.99
N GLY A 114 0.18 -11.37 -2.31
CA GLY A 114 0.33 -12.64 -2.97
C GLY A 114 -0.25 -13.77 -2.14
N SER A 115 0.07 -14.97 -2.58
CA SER A 115 -0.30 -16.16 -1.85
C SER A 115 0.99 -16.73 -1.27
N THR A 116 1.71 -17.49 -2.09
CA THR A 116 2.94 -18.14 -1.67
C THR A 116 4.20 -17.39 -2.11
N PHE A 117 4.06 -16.36 -2.95
CA PHE A 117 5.18 -15.58 -3.50
C PHE A 117 6.17 -16.48 -4.25
N VAL A 118 5.65 -17.51 -4.90
CA VAL A 118 6.45 -18.40 -5.73
C VAL A 118 6.00 -18.23 -7.18
N ASN A 119 6.94 -18.45 -8.11
CA ASN A 119 6.70 -18.16 -9.53
C ASN A 119 5.69 -19.07 -10.18
N THR A 120 5.13 -20.01 -9.42
CA THR A 120 3.96 -20.79 -9.79
C THR A 120 2.66 -20.10 -9.40
N SER A 121 2.73 -18.92 -8.77
CA SER A 121 1.57 -18.10 -8.45
C SER A 121 1.83 -16.68 -8.90
N TYR A 122 0.76 -15.88 -8.95
CA TYR A 122 0.90 -14.47 -9.27
C TYR A 122 0.98 -13.64 -7.99
N SER A 123 1.91 -12.68 -7.97
CA SER A 123 2.03 -11.71 -6.88
C SER A 123 1.82 -10.30 -7.41
N VAL A 124 1.10 -9.47 -6.65
CA VAL A 124 0.96 -8.06 -6.98
C VAL A 124 2.15 -7.31 -6.39
N VAL A 125 2.66 -6.32 -7.12
CA VAL A 125 3.71 -5.44 -6.62
C VAL A 125 3.35 -4.00 -6.97
N VAL A 126 3.37 -3.12 -5.96
CA VAL A 126 3.19 -1.68 -6.14
C VAL A 126 4.45 -1.01 -5.61
N GLN A 127 5.30 -0.54 -6.53
CA GLN A 127 6.62 -0.01 -6.19
C GLN A 127 6.74 1.39 -6.77
N PRO A 128 7.01 2.40 -5.93
CA PRO A 128 7.23 3.74 -6.48
C PRO A 128 8.57 3.81 -7.19
N HIS A 129 8.65 4.75 -8.12
CA HIS A 129 9.88 5.05 -8.82
C HIS A 129 9.86 6.53 -9.17
N THR A 130 10.97 7.20 -8.97
CA THR A 130 11.12 8.57 -9.41
C THR A 130 12.23 8.65 -10.44
N THR A 131 12.14 9.64 -11.32
CA THR A 131 13.20 9.84 -12.29
C THR A 131 13.32 11.33 -12.56
N ASN A 132 14.57 11.76 -12.80
CA ASN A 132 14.86 13.16 -13.05
C ASN A 132 14.72 13.42 -14.55
N LEU A 133 13.67 14.15 -14.93
CA LEU A 133 13.38 14.47 -16.32
C LEU A 133 13.33 15.99 -16.47
N ASP A 134 14.24 16.53 -17.29
CA ASP A 134 14.42 17.99 -17.44
C ASP A 134 14.70 18.66 -16.10
N ASN A 135 15.56 18.05 -15.29
CA ASN A 135 16.02 18.60 -14.02
C ASN A 135 14.87 18.82 -13.05
N LYS A 136 13.78 18.07 -13.25
CA LYS A 136 12.62 18.15 -12.36
C LYS A 136 12.17 16.72 -12.06
N LEU A 137 11.99 16.39 -10.78
CA LEU A 137 11.73 15.01 -10.39
C LEU A 137 10.26 14.65 -10.61
N GLN A 138 10.02 13.55 -11.34
CA GLN A 138 8.69 13.00 -11.57
C GLN A 138 8.54 11.70 -10.80
N GLY A 139 7.30 11.33 -10.50
CA GLY A 139 7.04 10.07 -9.80
C GLY A 139 6.09 9.16 -10.54
N LEU A 140 6.37 7.86 -10.49
CA LEU A 140 5.45 6.83 -10.96
C LEU A 140 5.17 5.82 -9.86
N LEU A 141 3.99 5.21 -9.93
CA LEU A 141 3.69 3.95 -9.28
C LEU A 141 3.83 2.85 -10.33
N GLU A 142 4.76 1.93 -10.13
CA GLU A 142 4.97 0.82 -11.06
C GLU A 142 4.15 -0.38 -10.58
N ILE A 143 3.00 -0.63 -11.22
CA ILE A 143 2.06 -1.65 -10.75
C ILE A 143 2.12 -2.86 -11.68
N SER A 144 2.30 -4.04 -11.10
CA SER A 144 2.39 -5.26 -11.89
C SER A 144 1.81 -6.43 -11.11
N VAL A 145 1.37 -7.46 -11.84
CA VAL A 145 0.84 -8.71 -11.29
C VAL A 145 1.44 -9.82 -12.15
N CYS A 146 2.38 -10.58 -11.60
CA CYS A 146 3.26 -11.43 -12.39
C CYS A 146 3.59 -12.70 -11.64
N GLN A 147 4.13 -13.66 -12.37
CA GLN A 147 4.67 -14.88 -11.77
C GLN A 147 6.12 -14.62 -11.35
N TYR A 148 6.26 -13.74 -10.36
CA TYR A 148 7.58 -13.33 -9.91
C TYR A 148 8.25 -14.43 -9.10
N THR A 149 9.54 -14.63 -9.34
CA THR A 149 10.37 -15.44 -8.44
C THR A 149 10.83 -14.53 -7.31
N MET A 150 9.94 -14.33 -6.35
CA MET A 150 10.23 -13.41 -5.25
C MET A 150 11.36 -13.95 -4.38
N CYS A 151 12.10 -13.03 -3.77
CA CYS A 151 13.23 -13.36 -2.92
C CYS A 151 12.77 -13.69 -1.50
N GLU A 152 13.62 -14.45 -0.80
CA GLU A 152 13.46 -14.64 0.64
C GLU A 152 13.32 -13.32 1.37
N TYR A 153 14.24 -12.38 1.10
CA TYR A 153 14.44 -11.17 1.90
C TYR A 153 14.32 -9.96 0.99
N PRO A 154 13.10 -9.67 0.51
CA PRO A 154 12.91 -8.62 -0.49
C PRO A 154 13.03 -7.21 0.10
N ASN A 155 13.69 -6.33 -0.65
CA ASN A 155 13.89 -4.93 -0.26
C ASN A 155 13.81 -4.05 -1.50
N THR A 156 13.58 -2.76 -1.30
CA THR A 156 13.85 -1.76 -2.33
C THR A 156 14.93 -0.81 -1.84
N ILE A 157 15.40 0.02 -2.75
CA ILE A 157 16.40 1.04 -2.43
C ILE A 157 15.85 2.39 -2.86
N CYS A 158 16.44 3.45 -2.26
CA CYS A 158 16.05 4.82 -2.53
C CYS A 158 16.79 5.31 -3.78
N HIS A 159 16.49 6.54 -4.18
CA HIS A 159 17.11 7.15 -5.34
C HIS A 159 18.64 7.09 -5.21
N PRO A 160 19.36 6.80 -6.29
CA PRO A 160 20.83 6.69 -6.17
C PRO A 160 21.49 7.93 -5.56
N ASN A 161 20.94 9.13 -5.82
CA ASN A 161 21.55 10.36 -5.31
C ASN A 161 21.54 10.43 -3.79
N LEU A 162 20.64 9.72 -3.13
CA LEU A 162 20.66 9.60 -1.69
C LEU A 162 21.65 8.55 -1.20
N GLY A 163 22.20 7.73 -2.11
CA GLY A 163 23.23 6.73 -1.83
C GLY A 163 22.65 5.45 -1.25
N ASN A 164 23.31 4.33 -1.56
CA ASN A 164 22.81 3.01 -1.21
C ASN A 164 23.95 2.06 -0.89
N GLN A 165 23.84 1.36 0.25
CA GLN A 165 24.74 0.25 0.55
C GLN A 165 24.35 -1.03 -0.17
N ARG A 166 23.09 -1.14 -0.61
CA ARG A 166 22.50 -2.37 -1.07
C ARG A 166 21.98 -2.24 -2.49
N VAL A 167 21.94 -3.34 -3.19
CA VAL A 167 21.21 -3.37 -4.45
C VAL A 167 19.74 -3.64 -4.15
N GLU A 168 18.89 -3.37 -5.13
CA GLU A 168 17.48 -3.68 -5.01
C GLU A 168 17.26 -5.13 -5.42
N LEU A 169 16.61 -5.91 -4.56
CA LEU A 169 16.52 -7.34 -4.76
C LEU A 169 15.26 -7.85 -4.08
N TRP A 170 14.13 -7.79 -4.80
CA TRP A 170 12.88 -8.37 -4.35
C TRP A 170 12.35 -9.47 -5.26
N HIS A 171 12.88 -9.63 -6.47
CA HIS A 171 12.62 -10.82 -7.25
C HIS A 171 13.84 -11.08 -8.13
N TRP A 172 13.98 -12.30 -8.63
CA TRP A 172 15.06 -12.60 -9.55
C TRP A 172 14.50 -13.39 -10.73
N ASP A 173 14.55 -12.78 -11.91
CA ASP A 173 13.91 -13.36 -13.10
C ASP A 173 14.68 -12.86 -14.32
N THR A 174 15.49 -13.74 -14.93
CA THR A 174 16.23 -13.39 -16.15
C THR A 174 15.36 -13.47 -17.40
N GLY A 175 14.53 -14.51 -17.52
CA GLY A 175 13.78 -14.74 -18.73
C GLY A 175 12.54 -13.88 -18.85
N VAL A 176 11.58 -14.38 -19.64
CA VAL A 176 10.28 -13.75 -19.74
C VAL A 176 9.44 -14.15 -18.54
N VAL A 177 8.69 -13.21 -17.98
CA VAL A 177 7.82 -13.45 -16.82
C VAL A 177 6.37 -13.18 -17.23
N SER A 178 5.50 -14.16 -17.02
CA SER A 178 4.09 -13.98 -17.37
C SER A 178 3.44 -12.94 -16.45
N CYS A 179 2.74 -11.98 -17.03
CA CYS A 179 2.09 -10.91 -16.26
C CYS A 179 0.63 -10.77 -16.66
N LEU A 180 -0.25 -10.89 -15.66
CA LEU A 180 -1.67 -10.59 -15.82
C LEU A 180 -1.93 -9.09 -15.95
N TYR A 181 -1.07 -8.25 -15.39
CA TYR A 181 -1.29 -6.81 -15.46
C TYR A 181 0.04 -6.11 -15.26
N LYS A 182 0.23 -5.03 -16.00
CA LYS A 182 1.38 -4.14 -15.88
C LYS A 182 1.04 -2.76 -16.41
N ARG A 183 1.05 -1.74 -15.59
CA ARG A 183 1.18 -0.41 -16.14
C ARG A 183 1.59 0.56 -15.03
N ASN A 184 2.11 1.69 -15.47
CA ASN A 184 2.57 2.74 -14.57
C ASN A 184 1.50 3.82 -14.43
N PHE A 185 1.46 4.42 -13.24
CA PHE A 185 0.59 5.53 -12.92
C PHE A 185 1.44 6.63 -12.31
N THR A 186 1.21 7.86 -12.74
CA THR A 186 1.96 8.96 -12.17
C THR A 186 1.40 9.29 -10.78
N TYR A 187 2.25 9.87 -9.93
CA TYR A 187 1.79 10.42 -8.67
C TYR A 187 2.53 11.72 -8.40
N ASP A 188 1.92 12.56 -7.58
CA ASP A 188 2.48 13.88 -7.26
C ASP A 188 3.60 13.71 -6.24
N VAL A 189 4.84 14.02 -6.63
CA VAL A 189 5.97 13.88 -5.71
C VAL A 189 5.91 14.87 -4.56
N ASN A 190 5.02 15.87 -4.61
CA ASN A 190 4.88 16.86 -3.54
C ASN A 190 3.78 16.51 -2.54
N ALA A 191 3.01 15.45 -2.78
CA ALA A 191 1.95 15.08 -1.86
C ALA A 191 2.52 14.70 -0.50
N ASP A 192 1.72 14.93 0.54
CA ASP A 192 2.10 14.53 1.90
C ASP A 192 1.81 13.05 2.11
N TYR A 193 0.60 12.64 1.78
CA TYR A 193 0.17 11.26 1.98
C TYR A 193 -0.48 10.71 0.72
N LEU A 194 -0.12 9.49 0.39
CA LEU A 194 -0.81 8.67 -0.61
C LEU A 194 -1.76 7.70 0.10
N TYR A 195 -2.86 7.36 -0.57
CA TYR A 195 -3.89 6.51 0.01
C TYR A 195 -4.23 5.39 -0.97
N PHE A 196 -4.42 4.18 -0.43
CA PHE A 196 -4.64 2.98 -1.23
C PHE A 196 -5.75 2.12 -0.64
N HIS A 197 -6.65 1.65 -1.50
CA HIS A 197 -7.53 0.52 -1.23
C HIS A 197 -7.09 -0.64 -2.10
N PHE A 198 -6.82 -1.78 -1.50
CA PHE A 198 -6.57 -3.02 -2.24
C PHE A 198 -7.54 -4.06 -1.70
N TYR A 199 -8.37 -4.63 -2.57
CA TYR A 199 -9.26 -5.69 -2.11
C TYR A 199 -9.50 -6.69 -3.23
N GLN A 200 -10.17 -7.78 -2.87
CA GLN A 200 -10.45 -8.86 -3.80
C GLN A 200 -11.87 -9.34 -3.60
N GLU A 201 -12.59 -9.58 -4.70
CA GLU A 201 -13.94 -10.11 -4.63
C GLU A 201 -14.17 -11.01 -5.83
N GLY A 202 -14.58 -12.25 -5.56
CA GLY A 202 -14.93 -13.16 -6.64
C GLY A 202 -13.81 -13.48 -7.61
N GLY A 203 -12.57 -13.56 -7.13
CA GLY A 203 -11.43 -13.87 -7.97
C GLY A 203 -10.76 -12.66 -8.60
N THR A 204 -11.36 -11.48 -8.48
CA THR A 204 -10.81 -10.25 -9.05
C THR A 204 -10.12 -9.45 -7.96
N PHE A 205 -8.94 -8.94 -8.28
CA PHE A 205 -8.23 -8.01 -7.42
C PHE A 205 -8.52 -6.59 -7.89
N TYR A 206 -8.81 -5.70 -6.94
CA TYR A 206 -9.16 -4.32 -7.19
C TYR A 206 -8.15 -3.39 -6.56
N ALA A 207 -8.06 -2.17 -7.07
CA ALA A 207 -7.19 -1.19 -6.45
C ALA A 207 -7.71 0.22 -6.68
N TYR A 208 -7.64 1.05 -5.64
CA TYR A 208 -8.01 2.44 -5.69
C TYR A 208 -6.86 3.28 -5.14
N PHE A 209 -6.84 4.56 -5.45
CA PHE A 209 -5.70 5.37 -5.06
C PHE A 209 -6.03 6.85 -5.18
N THR A 210 -5.33 7.67 -4.41
CA THR A 210 -5.28 9.13 -4.60
C THR A 210 -4.02 9.69 -3.96
N ASP A 211 -3.51 10.77 -4.54
CA ASP A 211 -2.46 11.57 -3.91
C ASP A 211 -2.94 12.98 -3.62
N THR A 212 -4.25 13.20 -3.66
CA THR A 212 -4.87 14.51 -3.48
C THR A 212 -6.12 14.31 -2.64
N GLY A 213 -6.18 14.98 -1.48
CA GLY A 213 -7.32 14.73 -0.62
C GLY A 213 -7.15 13.40 0.11
N VAL A 214 -8.27 12.92 0.68
CA VAL A 214 -8.25 11.73 1.51
C VAL A 214 -9.12 10.62 0.97
N VAL A 215 -9.76 10.82 -0.17
CA VAL A 215 -10.73 9.89 -0.74
C VAL A 215 -10.12 9.31 -2.01
N THR A 216 -9.96 7.99 -2.06
CA THR A 216 -9.31 7.32 -3.18
C THR A 216 -10.27 7.19 -4.37
N LYS A 217 -9.70 6.79 -5.49
CA LYS A 217 -10.41 6.71 -6.76
C LYS A 217 -9.82 5.55 -7.54
N PHE A 218 -10.66 4.91 -8.36
CA PHE A 218 -10.34 3.63 -8.98
C PHE A 218 -9.04 3.69 -9.77
N LEU A 219 -8.19 2.69 -9.53
CA LEU A 219 -6.95 2.54 -10.27
C LEU A 219 -7.03 1.45 -11.34
N PHE A 220 -7.30 0.21 -10.95
CA PHE A 220 -7.38 -0.89 -11.92
C PHE A 220 -8.09 -2.06 -11.27
N ASN A 221 -8.41 -3.07 -12.09
CA ASN A 221 -8.73 -4.38 -11.56
C ASN A 221 -8.12 -5.40 -12.51
N VAL A 222 -8.02 -6.63 -12.04
CA VAL A 222 -7.64 -7.73 -12.90
C VAL A 222 -8.26 -8.99 -12.34
N TYR A 223 -8.75 -9.86 -13.23
CA TYR A 223 -9.26 -11.15 -12.78
C TYR A 223 -8.10 -12.10 -12.57
N LEU A 224 -7.96 -12.61 -11.35
CA LEU A 224 -6.97 -13.63 -11.04
C LEU A 224 -7.52 -15.04 -11.08
N GLY A 225 -8.77 -15.23 -10.67
CA GLY A 225 -9.31 -16.57 -10.55
C GLY A 225 -8.83 -17.34 -9.33
N THR A 226 -7.99 -16.74 -8.50
CA THR A 226 -7.53 -17.35 -7.26
C THR A 226 -7.69 -16.35 -6.11
N VAL A 227 -7.43 -16.81 -4.89
CA VAL A 227 -7.56 -15.98 -3.70
C VAL A 227 -6.17 -15.67 -3.17
N LEU A 228 -5.87 -14.38 -3.00
CA LEU A 228 -4.64 -13.96 -2.36
C LEU A 228 -4.78 -14.09 -0.84
N SER A 229 -3.64 -14.34 -0.17
CA SER A 229 -3.65 -14.61 1.27
C SER A 229 -2.73 -13.72 2.11
N HIS A 230 -1.74 -13.03 1.53
CA HIS A 230 -0.79 -12.27 2.34
C HIS A 230 -0.35 -10.97 1.67
N TYR A 231 0.04 -10.00 2.51
CA TYR A 231 0.73 -8.82 2.04
C TYR A 231 2.02 -8.61 2.84
N TYR A 232 3.00 -7.99 2.19
CA TYR A 232 4.26 -7.65 2.84
C TYR A 232 4.69 -6.29 2.34
N VAL A 233 4.82 -5.33 3.26
CA VAL A 233 5.45 -4.06 2.95
C VAL A 233 6.96 -4.25 3.04
N MET A 234 7.66 -3.96 1.97
CA MET A 234 9.07 -4.34 1.96
C MET A 234 9.93 -3.30 2.67
N PRO A 235 11.02 -3.73 3.30
CA PRO A 235 11.95 -2.75 3.87
C PRO A 235 12.61 -1.93 2.78
N LEU A 236 12.82 -0.65 3.07
CA LEU A 236 13.44 0.31 2.15
C LEU A 236 14.81 0.68 2.68
N THR A 237 15.86 0.16 2.05
CA THR A 237 17.23 0.48 2.47
C THR A 237 17.72 1.74 1.76
N CYS A 238 18.43 2.57 2.51
CA CYS A 238 18.87 3.86 2.01
C CYS A 238 20.00 4.35 2.90
N ASN A 239 20.76 5.31 2.38
CA ASN A 239 21.79 5.95 3.17
C ASN A 239 21.27 7.14 3.96
N SER A 240 20.30 7.89 3.43
CA SER A 240 19.63 8.88 4.25
C SER A 240 18.93 8.24 5.44
N ALA A 241 19.13 8.83 6.61
CA ALA A 241 18.29 8.54 7.78
C ALA A 241 16.96 9.24 7.59
N MET A 242 15.96 8.54 7.05
CA MET A 242 14.65 9.14 6.84
C MET A 242 13.59 8.38 7.62
N THR A 243 12.38 8.95 7.66
CA THR A 243 11.27 8.40 8.43
C THR A 243 10.20 7.92 7.47
N LEU A 244 9.93 6.62 7.52
CA LEU A 244 8.93 6.00 6.66
C LEU A 244 7.70 5.65 7.48
N GLU A 245 6.53 5.84 6.87
CA GLU A 245 5.27 5.42 7.44
C GLU A 245 4.47 4.69 6.36
N TYR A 246 4.05 3.47 6.65
CA TYR A 246 3.13 2.74 5.77
C TYR A 246 2.06 2.13 6.66
N TRP A 247 1.01 2.91 6.92
CA TRP A 247 -0.07 2.50 7.82
C TRP A 247 -1.09 1.63 7.10
N VAL A 248 -1.33 0.43 7.63
CA VAL A 248 -2.25 -0.55 7.05
C VAL A 248 -3.30 -0.95 8.08
N THR A 249 -4.56 -0.94 7.68
CA THR A 249 -5.68 -1.43 8.47
C THR A 249 -6.54 -2.30 7.56
N PRO A 250 -7.16 -3.34 8.09
CA PRO A 250 -7.94 -4.25 7.23
C PRO A 250 -9.24 -3.63 6.75
N LEU A 251 -9.63 -4.02 5.54
CA LEU A 251 -10.97 -3.80 5.01
C LEU A 251 -11.85 -5.03 5.25
N THR A 252 -13.15 -4.78 5.39
CA THR A 252 -14.17 -5.82 5.30
C THR A 252 -15.35 -5.26 4.52
N SER A 253 -16.21 -6.17 4.04
CA SER A 253 -17.45 -5.77 3.38
C SER A 253 -18.37 -5.12 4.41
N LYS A 254 -18.63 -3.83 4.24
CA LYS A 254 -19.40 -3.09 5.23
C LYS A 254 -20.33 -2.11 4.52
N GLN A 255 -21.15 -1.46 5.32
CA GLN A 255 -22.10 -0.47 4.84
C GLN A 255 -21.70 0.88 5.41
N TYR A 256 -21.53 1.87 4.53
CA TYR A 256 -21.17 3.22 4.93
C TYR A 256 -22.19 4.22 4.42
N LEU A 257 -22.37 5.30 5.16
CA LEU A 257 -23.20 6.43 4.74
C LEU A 257 -22.26 7.57 4.35
N LEU A 258 -22.17 7.86 3.04
CA LEU A 258 -21.27 8.86 2.49
C LEU A 258 -22.04 10.10 2.07
N ALA A 259 -21.47 11.27 2.32
CA ALA A 259 -22.09 12.55 1.98
C ALA A 259 -21.31 13.23 0.85
N PHE A 260 -22.03 13.59 -0.22
CA PHE A 260 -21.45 14.24 -1.40
C PHE A 260 -21.85 15.71 -1.43
N ASN A 261 -20.86 16.60 -1.62
CA ASN A 261 -21.10 18.04 -1.59
C ASN A 261 -21.39 18.54 -3.01
N GLN A 262 -21.35 19.87 -3.21
CA GLN A 262 -21.72 20.43 -4.51
C GLN A 262 -20.70 20.10 -5.60
N ASP A 263 -19.44 19.82 -5.24
CA ASP A 263 -18.42 19.47 -6.22
C ASP A 263 -18.30 17.97 -6.45
N GLY A 264 -19.24 17.18 -5.93
CA GLY A 264 -19.15 15.73 -6.01
C GLY A 264 -18.19 15.09 -5.03
N VAL A 265 -17.72 15.83 -4.05
CA VAL A 265 -16.69 15.36 -3.13
C VAL A 265 -17.32 14.63 -1.96
N ILE A 266 -16.72 13.51 -1.56
CA ILE A 266 -17.09 12.83 -0.32
C ILE A 266 -16.44 13.61 0.82
N PHE A 267 -17.23 14.36 1.58
CA PHE A 267 -16.70 15.16 2.67
C PHE A 267 -16.98 14.59 4.06
N ASN A 268 -17.87 13.60 4.17
CA ASN A 268 -18.16 12.95 5.45
C ASN A 268 -18.56 11.50 5.19
N ALA A 269 -18.20 10.63 6.13
CA ALA A 269 -18.51 9.21 6.07
C ALA A 269 -18.82 8.68 7.47
N VAL A 270 -19.69 7.67 7.51
CA VAL A 270 -20.14 7.06 8.75
C VAL A 270 -20.06 5.55 8.60
N ASP A 271 -19.28 4.89 9.47
CA ASP A 271 -19.19 3.43 9.52
C ASP A 271 -20.36 2.89 10.33
N CYS A 272 -21.33 2.28 9.66
CA CYS A 272 -22.65 2.06 10.25
C CYS A 272 -22.60 1.21 11.52
N LYS A 273 -21.97 0.03 11.46
CA LYS A 273 -21.98 -0.87 12.62
C LYS A 273 -20.88 -0.55 13.63
N SER A 274 -20.11 0.53 13.44
CA SER A 274 -18.96 0.77 14.30
C SER A 274 -19.40 1.13 15.72
N ASP A 275 -20.30 2.10 15.87
CA ASP A 275 -20.81 2.52 17.16
C ASP A 275 -22.32 2.70 17.06
N PHE A 276 -22.94 2.94 18.23
CA PHE A 276 -24.40 2.90 18.32
C PHE A 276 -25.05 4.05 17.54
N MET A 277 -24.45 5.24 17.60
CA MET A 277 -25.02 6.37 16.87
C MET A 277 -24.91 6.16 15.37
N SER A 278 -23.79 5.58 14.92
CA SER A 278 -23.64 5.28 13.49
C SER A 278 -24.72 4.31 13.02
N GLU A 279 -25.07 3.32 13.85
CA GLU A 279 -26.16 2.41 13.50
C GLU A 279 -27.47 3.16 13.31
N ILE A 280 -27.78 4.08 14.22
CA ILE A 280 -29.06 4.77 14.16
C ILE A 280 -29.08 5.71 12.96
N LYS A 281 -27.97 6.39 12.70
CA LYS A 281 -27.88 7.35 11.61
C LYS A 281 -28.09 6.67 10.25
N CYS A 282 -27.55 5.47 10.08
CA CYS A 282 -27.74 4.74 8.84
C CYS A 282 -29.17 4.23 8.71
N LYS A 283 -29.85 4.00 9.84
CA LYS A 283 -31.24 3.54 9.86
C LYS A 283 -32.24 4.67 9.61
N THR A 284 -31.78 5.91 9.61
CA THR A 284 -32.64 7.05 9.27
C THR A 284 -32.24 7.65 7.92
N HIS A 285 -32.16 6.82 6.88
CA HIS A 285 -31.72 7.22 5.55
C HIS A 285 -30.43 8.06 5.57
C1 NAG B . 10.89 -20.65 -10.30
C2 NAG B . 12.11 -20.43 -11.18
C3 NAG B . 13.19 -21.44 -10.83
C4 NAG B . 13.60 -21.20 -9.39
C5 NAG B . 12.40 -21.43 -8.46
C6 NAG B . 12.67 -21.01 -7.05
C7 NAG B . 11.82 -19.42 -13.38
C8 NAG B . 11.47 -19.64 -14.82
N2 NAG B . 11.78 -20.50 -12.60
O3 NAG B . 14.30 -21.26 -11.70
O4 NAG B . 14.83 -21.85 -9.09
O5 NAG B . 11.28 -20.63 -8.89
O6 NAG B . 11.63 -21.46 -6.19
O7 NAG B . 12.12 -18.31 -12.95
C1 NAG B . 15.03 -23.14 -8.46
C2 NAG B . 16.49 -22.97 -8.04
C3 NAG B . 16.98 -24.19 -7.26
C4 NAG B . 16.03 -24.50 -6.11
C5 NAG B . 14.63 -24.68 -6.65
C6 NAG B . 13.58 -24.92 -5.58
C7 NAG B . 18.49 -22.04 -9.12
C8 NAG B . 19.23 -21.87 -10.41
N2 NAG B . 17.35 -22.72 -9.19
O3 NAG B . 18.29 -23.95 -6.75
O4 NAG B . 16.44 -25.68 -5.42
O5 NAG B . 14.23 -23.48 -7.34
O6 NAG B . 13.19 -23.71 -4.96
O7 NAG B . 18.91 -21.58 -8.06
C1 NAG C . 7.26 1.91 -15.96
C2 NAG C . 7.52 1.30 -17.34
C3 NAG C . 8.95 0.76 -17.41
C4 NAG C . 9.96 1.84 -17.05
C5 NAG C . 9.63 2.43 -15.68
C6 NAG C . 10.48 3.63 -15.33
C7 NAG C . 5.36 0.46 -18.21
C8 NAG C . 4.53 -0.76 -18.46
N2 NAG C . 6.57 0.25 -17.65
O3 NAG C . 9.18 0.25 -18.72
O4 NAG C . 11.27 1.27 -16.94
O5 NAG C . 8.26 2.89 -15.67
O6 NAG C . 10.29 4.69 -16.25
O7 NAG C . 4.96 1.59 -18.48
C1 NAG C . 12.29 1.74 -17.82
C2 NAG C . 13.61 1.25 -17.22
C3 NAG C . 14.79 1.43 -18.18
C4 NAG C . 14.46 0.85 -19.54
C5 NAG C . 13.23 1.58 -20.06
C6 NAG C . 12.82 1.13 -21.45
C7 NAG C . 14.14 1.25 -14.82
C8 NAG C . 14.41 2.10 -13.61
N2 NAG C . 13.89 1.91 -15.96
O3 NAG C . 15.93 0.79 -17.64
O4 NAG C . 15.58 0.98 -20.42
O5 NAG C . 12.15 1.30 -19.17
O6 NAG C . 11.91 0.03 -21.38
O7 NAG C . 14.15 0.02 -14.77
C1 NAG D . -26.80 21.89 -4.10
C2 NAG D . -26.49 23.38 -3.68
C3 NAG D . -26.99 24.39 -4.72
C4 NAG D . -26.42 24.04 -6.08
C5 NAG D . -26.97 22.68 -6.47
C6 NAG D . -26.55 22.25 -7.85
C7 NAG D . -28.24 23.51 -1.88
C8 NAG D . -28.49 23.94 -0.47
N2 NAG D . -26.99 23.71 -2.34
O3 NAG D . -26.56 25.70 -4.34
O4 NAG D . -26.74 25.03 -7.05
O5 NAG D . -26.48 21.70 -5.54
O6 NAG D . -26.44 23.36 -8.74
O7 NAG D . -29.12 23.00 -2.58
#